data_2HRV
#
_entry.id   2HRV
#
_cell.length_a   72.921
_cell.length_b   72.921
_cell.length_c   161.659
_cell.angle_alpha   90.00
_cell.angle_beta   90.00
_cell.angle_gamma   120.00
#
_symmetry.space_group_name_H-M   'P 32 2 1'
#
loop_
_entity.id
_entity.type
_entity.pdbx_description
1 polymer '2A CYSTEINE PROTEINASE'
2 non-polymer 'ZINC ION'
3 water water
#
_entity_poly.entity_id   1
_entity_poly.type   'polypeptide(L)'
_entity_poly.pdbx_seq_one_letter_code
;GPSDMYVHVGNLIYRNLHLFNSEMHESILVSYSSDLIIYRTNTVGDDYIPSCDCTQATYYCKHKNRYFPITVTSHDWYEI
QESEYYPKHIQYNLLIGEGPCEPGDCGGKLLCKHGVIGIVTAGGDNHVAFIDLRHFHCAEEQ
;
_entity_poly.pdbx_strand_id   A,B
#
# COMPACT_ATOMS: atom_id res chain seq x y z
N GLY A 1 0.67 -1.59 11.63
CA GLY A 1 -0.35 -1.44 10.59
C GLY A 1 0.18 -0.65 9.41
N PRO A 2 -0.54 -0.65 8.28
CA PRO A 2 -0.18 0.05 7.06
C PRO A 2 0.09 1.56 7.20
N SER A 3 -0.63 2.20 8.13
CA SER A 3 -0.50 3.64 8.34
C SER A 3 0.51 4.08 9.41
N ASP A 4 1.12 3.13 10.10
CA ASP A 4 2.10 3.48 11.12
C ASP A 4 3.37 4.04 10.45
N MET A 5 3.78 5.23 10.90
CA MET A 5 4.92 5.95 10.32
C MET A 5 6.28 5.57 10.89
N TYR A 6 6.56 4.27 10.97
CA TYR A 6 7.81 3.75 11.51
C TYR A 6 7.79 2.25 11.31
N VAL A 7 8.91 1.60 11.56
CA VAL A 7 8.96 0.16 11.37
C VAL A 7 9.19 -0.49 12.72
N HIS A 8 8.45 -1.54 13.02
CA HIS A 8 8.56 -2.19 14.31
C HIS A 8 8.81 -3.68 14.14
N VAL A 9 10.06 -4.09 14.34
CA VAL A 9 10.45 -5.49 14.17
C VAL A 9 10.87 -6.01 15.54
N GLY A 10 10.14 -7.00 16.05
CA GLY A 10 10.44 -7.53 17.36
C GLY A 10 10.41 -6.37 18.35
N ASN A 11 11.46 -6.19 19.14
CA ASN A 11 11.48 -5.08 20.08
C ASN A 11 12.27 -3.87 19.60
N LEU A 12 12.45 -3.75 18.29
CA LEU A 12 13.15 -2.62 17.71
C LEU A 12 12.22 -1.74 16.89
N ILE A 13 12.34 -0.43 17.10
CA ILE A 13 11.57 0.55 16.36
C ILE A 13 12.58 1.33 15.52
N TYR A 14 12.33 1.42 14.21
CA TYR A 14 13.17 2.17 13.26
C TYR A 14 12.42 3.45 12.89
N ARG A 15 13.06 4.60 13.07
CA ARG A 15 12.42 5.88 12.78
C ARG A 15 13.40 6.88 12.20
N ASN A 16 12.87 8.00 11.73
CA ASN A 16 13.71 9.05 11.19
C ASN A 16 14.39 9.74 12.34
N LEU A 17 15.71 9.84 12.25
CA LEU A 17 16.49 10.50 13.28
C LEU A 17 16.00 11.94 13.50
N HIS A 18 15.75 12.68 12.42
CA HIS A 18 15.33 14.08 12.59
C HIS A 18 14.00 14.28 13.32
N LEU A 19 13.26 13.21 13.55
CA LEU A 19 11.98 13.29 14.25
C LEU A 19 12.08 12.64 15.62
N PHE A 20 13.27 12.17 15.95
CA PHE A 20 13.56 11.56 17.25
C PHE A 20 14.62 12.50 17.86
N ASN A 21 15.88 12.09 17.79
CA ASN A 21 17.03 12.82 18.34
C ASN A 21 16.88 13.49 19.71
N SER A 22 15.69 13.45 20.31
CA SER A 22 15.50 14.04 21.63
C SER A 22 16.06 13.11 22.70
N GLU A 23 15.60 11.85 22.70
CA GLU A 23 16.08 10.86 23.66
C GLU A 23 17.23 10.07 23.03
N MET A 24 17.79 10.65 21.97
CA MET A 24 18.88 10.05 21.20
C MET A 24 19.87 9.27 22.08
N HIS A 25 20.13 9.76 23.28
CA HIS A 25 21.06 9.08 24.17
C HIS A 25 20.55 7.75 24.74
N GLU A 26 19.28 7.43 24.47
CA GLU A 26 18.69 6.17 24.92
C GLU A 26 18.51 5.20 23.75
N SER A 27 18.84 5.64 22.54
CA SER A 27 18.69 4.80 21.37
C SER A 27 19.73 3.66 21.36
N ILE A 28 19.53 2.71 20.46
CA ILE A 28 20.43 1.57 20.37
C ILE A 28 21.33 1.72 19.12
N LEU A 29 20.86 2.40 18.09
CA LEU A 29 21.70 2.64 16.92
C LEU A 29 21.30 3.95 16.24
N VAL A 30 22.31 4.73 15.82
CA VAL A 30 22.07 5.97 15.11
C VAL A 30 23.01 6.04 13.90
N SER A 31 22.47 6.41 12.75
CA SER A 31 23.28 6.61 11.56
C SER A 31 22.96 8.03 11.20
N TYR A 32 23.84 8.96 11.59
CA TYR A 32 23.60 10.35 11.27
C TYR A 32 23.52 10.60 9.76
N SER A 33 24.42 9.96 9.02
CA SER A 33 24.49 10.13 7.58
C SER A 33 23.27 9.58 6.85
N SER A 34 22.46 8.78 7.55
CA SER A 34 21.31 8.17 6.93
C SER A 34 19.95 8.54 7.52
N ASP A 35 19.94 9.51 8.42
CA ASP A 35 18.69 9.96 9.07
C ASP A 35 17.97 8.81 9.77
N LEU A 36 18.74 7.86 10.30
CA LEU A 36 18.13 6.72 10.98
C LEU A 36 18.46 6.57 12.45
N ILE A 37 17.42 6.22 13.22
CA ILE A 37 17.62 5.92 14.60
C ILE A 37 16.81 4.67 14.89
N ILE A 38 17.37 3.84 15.77
CA ILE A 38 16.74 2.59 16.17
C ILE A 38 16.74 2.53 17.70
N TYR A 39 15.64 2.10 18.28
CA TYR A 39 15.61 1.97 19.73
C TYR A 39 14.75 0.82 20.20
N ARG A 40 15.04 0.36 21.41
CA ARG A 40 14.32 -0.75 22.02
C ARG A 40 12.94 -0.32 22.48
N THR A 41 11.97 -1.20 22.37
CA THR A 41 10.61 -0.90 22.78
C THR A 41 10.06 -2.02 23.66
N ASN A 42 9.01 -1.73 24.41
CA ASN A 42 8.45 -2.71 25.33
C ASN A 42 7.39 -3.62 24.73
N THR A 43 6.95 -3.32 23.51
CA THR A 43 5.97 -4.17 22.85
C THR A 43 6.64 -4.82 21.66
N VAL A 44 6.04 -5.88 21.16
CA VAL A 44 6.61 -6.60 20.03
C VAL A 44 5.92 -6.19 18.75
N GLY A 45 6.70 -5.85 17.73
CA GLY A 45 6.12 -5.44 16.46
C GLY A 45 6.07 -6.60 15.50
N ASP A 46 5.22 -6.50 14.48
CA ASP A 46 5.11 -7.57 13.51
C ASP A 46 5.67 -7.26 12.13
N ASP A 47 6.41 -6.16 12.00
CA ASP A 47 6.99 -5.85 10.68
C ASP A 47 8.18 -6.76 10.48
N TYR A 48 8.61 -6.86 9.23
CA TYR A 48 9.73 -7.69 8.87
C TYR A 48 10.55 -6.99 7.79
N ILE A 49 11.83 -6.81 8.06
CA ILE A 49 12.72 -6.18 7.09
C ILE A 49 13.47 -7.31 6.39
N PRO A 50 13.26 -7.44 5.07
CA PRO A 50 13.94 -8.50 4.33
C PRO A 50 15.37 -8.15 3.96
N SER A 51 16.04 -9.03 3.22
CA SER A 51 17.42 -8.80 2.79
C SER A 51 17.55 -9.11 1.31
N CYS A 52 16.55 -8.67 0.56
CA CYS A 52 16.44 -8.86 -0.88
C CYS A 52 16.98 -7.65 -1.64
N ASP A 53 16.77 -7.65 -2.95
CA ASP A 53 17.23 -6.52 -3.76
C ASP A 53 16.07 -5.95 -4.57
N CYS A 54 14.84 -6.21 -4.14
CA CYS A 54 13.67 -5.71 -4.86
C CYS A 54 13.69 -4.24 -5.18
N THR A 55 13.08 -3.90 -6.30
CA THR A 55 12.95 -2.52 -6.73
C THR A 55 11.46 -2.24 -6.97
N GLN A 56 10.66 -3.30 -7.16
CA GLN A 56 9.21 -3.14 -7.35
C GLN A 56 8.61 -2.98 -5.94
N ALA A 57 8.21 -1.75 -5.62
CA ALA A 57 7.72 -1.46 -4.27
C ALA A 57 6.38 -0.75 -4.19
N THR A 58 6.05 -0.34 -2.96
CA THR A 58 4.82 0.39 -2.68
C THR A 58 5.03 1.13 -1.36
N TYR A 59 4.48 2.33 -1.23
CA TYR A 59 4.69 3.09 -0.01
C TYR A 59 3.47 3.88 0.42
N TYR A 60 3.43 4.16 1.72
CA TYR A 60 2.34 4.92 2.30
C TYR A 60 2.67 6.41 2.20
N CYS A 61 1.75 7.15 1.59
CA CYS A 61 1.89 8.57 1.45
C CYS A 61 0.86 9.18 2.41
N LYS A 62 1.35 9.65 3.54
CA LYS A 62 0.52 10.24 4.58
C LYS A 62 -0.41 11.37 4.13
N HIS A 63 0.10 12.36 3.39
CA HIS A 63 -0.78 13.47 3.02
C HIS A 63 -1.91 13.06 2.07
N LYS A 64 -1.74 11.93 1.37
CA LYS A 64 -2.80 11.44 0.48
C LYS A 64 -3.55 10.32 1.19
N ASN A 65 -3.03 9.93 2.34
CA ASN A 65 -3.58 8.84 3.15
C ASN A 65 -3.85 7.58 2.33
N ARG A 66 -2.93 7.23 1.45
CA ARG A 66 -3.09 6.02 0.64
C ARG A 66 -1.75 5.50 0.16
N TYR A 67 -1.78 4.28 -0.33
CA TYR A 67 -0.59 3.65 -0.86
C TYR A 67 -0.44 3.91 -2.33
N PHE A 68 0.82 3.91 -2.78
CA PHE A 68 1.19 4.13 -4.18
C PHE A 68 2.22 3.10 -4.62
N PRO A 69 2.04 2.51 -5.81
CA PRO A 69 3.06 1.55 -6.24
C PRO A 69 4.26 2.45 -6.61
N ILE A 70 5.46 1.92 -6.53
CA ILE A 70 6.62 2.73 -6.87
C ILE A 70 7.80 1.83 -7.21
N THR A 71 8.55 2.24 -8.22
CA THR A 71 9.75 1.51 -8.62
C THR A 71 10.90 2.31 -8.04
N VAL A 72 11.69 1.71 -7.16
CA VAL A 72 12.80 2.44 -6.56
C VAL A 72 14.16 2.04 -7.10
N THR A 73 15.10 2.98 -7.01
CA THR A 73 16.49 2.77 -7.42
C THR A 73 17.40 3.00 -6.20
N SER A 74 18.35 2.11 -5.96
CA SER A 74 19.29 2.27 -4.85
C SER A 74 20.31 3.35 -5.13
N HIS A 75 20.75 4.02 -4.08
CA HIS A 75 21.78 5.06 -4.17
C HIS A 75 22.60 5.03 -2.88
N ASP A 76 23.89 4.71 -3.01
CA ASP A 76 24.77 4.67 -1.84
C ASP A 76 24.66 6.01 -1.16
N TRP A 77 24.63 7.05 -1.98
CA TRP A 77 24.49 8.39 -1.48
C TRP A 77 23.88 9.24 -2.56
N TYR A 78 23.35 10.39 -2.15
CA TYR A 78 22.72 11.27 -3.11
C TYR A 78 22.50 12.62 -2.46
N GLU A 79 22.50 13.65 -3.30
CA GLU A 79 22.28 15.02 -2.83
C GLU A 79 20.81 15.13 -2.40
N ILE A 80 20.55 15.89 -1.35
CA ILE A 80 19.19 16.09 -0.87
C ILE A 80 19.03 17.58 -0.62
N GLN A 81 18.05 18.20 -1.27
CA GLN A 81 17.81 19.63 -1.12
C GLN A 81 17.32 19.97 0.28
N GLU A 82 17.62 21.20 0.70
CA GLU A 82 17.23 21.66 2.03
C GLU A 82 15.74 21.43 2.28
N SER A 83 15.37 21.41 3.55
CA SER A 83 13.98 21.21 3.94
C SER A 83 13.72 22.01 5.20
N GLU A 84 12.70 21.62 5.94
CA GLU A 84 12.34 22.31 7.17
C GLU A 84 13.12 21.74 8.35
N TYR A 85 13.75 20.58 8.13
CA TYR A 85 14.51 19.91 9.19
C TYR A 85 15.99 19.66 8.86
N TYR A 86 16.31 19.63 7.57
CA TYR A 86 17.69 19.41 7.12
C TYR A 86 18.07 20.36 6.00
N PRO A 87 19.24 20.99 6.09
CA PRO A 87 19.69 21.92 5.04
C PRO A 87 20.25 21.07 3.91
N LYS A 88 20.61 21.69 2.80
CA LYS A 88 21.17 20.96 1.67
C LYS A 88 22.25 20.00 2.20
N HIS A 89 22.21 18.73 1.81
CA HIS A 89 23.21 17.77 2.30
C HIS A 89 23.23 16.50 1.48
N ILE A 90 24.29 15.72 1.66
CA ILE A 90 24.40 14.43 1.00
C ILE A 90 23.90 13.45 2.05
N GLN A 91 23.08 12.50 1.62
CA GLN A 91 22.55 11.52 2.55
C GLN A 91 22.91 10.17 1.97
N TYR A 92 23.05 9.16 2.84
CA TYR A 92 23.46 7.82 2.40
C TYR A 92 22.45 6.71 2.62
N ASN A 93 22.62 5.60 1.90
CA ASN A 93 21.75 4.44 2.02
C ASN A 93 20.30 4.79 1.67
N LEU A 94 20.13 5.32 0.47
CA LEU A 94 18.83 5.75 -0.02
C LEU A 94 18.17 4.89 -1.09
N LEU A 95 16.86 5.08 -1.21
CA LEU A 95 16.05 4.43 -2.23
C LEU A 95 15.26 5.62 -2.73
N ILE A 96 15.24 5.79 -4.05
CA ILE A 96 14.53 6.91 -4.65
C ILE A 96 13.64 6.40 -5.78
N GLY A 97 12.52 7.11 -5.99
CA GLY A 97 11.57 6.75 -7.04
C GLY A 97 10.61 7.90 -7.25
N GLU A 98 9.73 7.81 -8.24
CA GLU A 98 8.80 8.91 -8.48
C GLU A 98 7.53 8.74 -7.66
N GLY A 99 7.06 9.82 -7.07
CA GLY A 99 5.84 9.75 -6.31
C GLY A 99 5.64 11.01 -5.49
N PRO A 100 4.41 11.29 -5.04
CA PRO A 100 4.17 12.49 -4.23
C PRO A 100 4.77 12.42 -2.84
N CYS A 101 5.06 13.59 -2.29
CA CYS A 101 5.64 13.71 -0.97
C CYS A 101 5.48 15.14 -0.50
N GLU A 102 5.05 15.28 0.75
CA GLU A 102 4.85 16.58 1.36
C GLU A 102 5.27 16.49 2.82
N PRO A 103 5.58 17.64 3.44
CA PRO A 103 5.98 17.69 4.85
C PRO A 103 4.99 16.86 5.68
N GLY A 104 5.53 16.05 6.60
CA GLY A 104 4.68 15.21 7.42
C GLY A 104 4.65 13.78 6.89
N ASP A 105 5.21 13.57 5.71
CA ASP A 105 5.24 12.24 5.07
C ASP A 105 6.38 11.34 5.53
N CYS A 106 7.37 11.90 6.22
CA CYS A 106 8.50 11.09 6.68
C CYS A 106 8.04 9.98 7.60
N GLY A 107 8.64 8.81 7.48
CA GLY A 107 8.25 7.69 8.33
C GLY A 107 7.34 6.72 7.60
N GLY A 108 6.72 7.17 6.52
CA GLY A 108 5.85 6.30 5.74
C GLY A 108 6.61 5.07 5.26
N LYS A 109 5.98 3.91 5.35
CA LYS A 109 6.64 2.67 4.98
C LYS A 109 6.69 2.37 3.47
N LEU A 110 7.82 1.79 3.06
CA LEU A 110 8.09 1.37 1.69
C LEU A 110 8.24 -0.15 1.79
N LEU A 111 7.43 -0.89 1.06
CA LEU A 111 7.51 -2.35 1.11
C LEU A 111 7.64 -2.98 -0.27
N CYS A 112 8.26 -4.17 -0.30
CA CYS A 112 8.41 -4.95 -1.51
C CYS A 112 7.57 -6.16 -1.13
N LYS A 113 7.52 -7.17 -1.99
CA LYS A 113 6.74 -8.34 -1.69
C LYS A 113 7.19 -9.10 -0.45
N HIS A 114 8.44 -8.91 -0.04
CA HIS A 114 8.95 -9.64 1.13
C HIS A 114 8.70 -8.96 2.47
N GLY A 115 8.62 -7.63 2.47
CA GLY A 115 8.41 -6.95 3.73
C GLY A 115 8.71 -5.46 3.63
N VAL A 116 9.03 -4.81 4.74
CA VAL A 116 9.32 -3.39 4.72
C VAL A 116 10.81 -3.19 4.46
N ILE A 117 11.13 -2.33 3.50
CA ILE A 117 12.52 -2.10 3.15
C ILE A 117 12.96 -0.66 3.37
N GLY A 118 12.01 0.21 3.67
CA GLY A 118 12.36 1.60 3.91
C GLY A 118 11.28 2.48 4.51
N ILE A 119 11.67 3.70 4.84
CA ILE A 119 10.75 4.72 5.36
C ILE A 119 11.12 6.04 4.70
N VAL A 120 10.09 6.83 4.39
CA VAL A 120 10.28 8.14 3.77
C VAL A 120 11.22 9.02 4.61
N THR A 121 12.20 9.63 3.95
CA THR A 121 13.15 10.51 4.64
C THR A 121 13.24 11.88 3.96
N ALA A 122 12.85 11.95 2.69
CA ALA A 122 12.94 13.21 1.97
C ALA A 122 12.06 13.24 0.76
N GLY A 123 11.73 14.44 0.32
CA GLY A 123 10.89 14.59 -0.84
C GLY A 123 11.32 15.76 -1.70
N GLY A 124 11.45 15.51 -2.99
CA GLY A 124 11.84 16.58 -3.89
C GLY A 124 10.66 16.94 -4.76
N ASP A 125 10.92 17.12 -6.04
CA ASP A 125 9.87 17.45 -6.99
C ASP A 125 9.54 16.16 -7.72
N ASN A 126 8.33 15.68 -7.49
CA ASN A 126 7.86 14.44 -8.12
C ASN A 126 8.59 13.18 -7.66
N HIS A 127 9.59 13.33 -6.79
CA HIS A 127 10.32 12.17 -6.29
C HIS A 127 10.30 12.09 -4.77
N VAL A 128 10.43 10.88 -4.27
CA VAL A 128 10.43 10.65 -2.84
C VAL A 128 11.62 9.75 -2.50
N ALA A 129 12.29 10.05 -1.40
CA ALA A 129 13.45 9.27 -0.97
C ALA A 129 13.12 8.52 0.32
N PHE A 130 13.70 7.33 0.45
CA PHE A 130 13.51 6.49 1.62
C PHE A 130 14.85 5.99 2.13
N ILE A 131 14.90 5.69 3.43
CA ILE A 131 16.10 5.13 4.03
C ILE A 131 16.02 3.66 3.65
N ASP A 132 17.10 3.09 3.11
CA ASP A 132 17.06 1.66 2.78
C ASP A 132 17.40 0.97 4.08
N LEU A 133 16.39 0.36 4.69
CA LEU A 133 16.56 -0.30 5.98
C LEU A 133 17.26 -1.65 5.87
N ARG A 134 17.26 -2.23 4.67
CA ARG A 134 17.92 -3.52 4.47
C ARG A 134 19.39 -3.40 4.83
N HIS A 135 19.92 -2.19 4.73
CA HIS A 135 21.31 -1.91 5.04
C HIS A 135 21.60 -1.82 6.55
N PHE A 136 20.59 -1.92 7.39
CA PHE A 136 20.83 -1.83 8.82
C PHE A 136 20.28 -3.00 9.59
N HIS A 137 20.31 -4.16 8.95
CA HIS A 137 19.77 -5.37 9.54
C HIS A 137 20.58 -6.55 9.00
N CYS A 138 20.86 -7.53 9.86
CA CYS A 138 21.60 -8.72 9.44
C CYS A 138 20.66 -9.69 8.73
N ALA A 139 21.11 -10.26 7.62
CA ALA A 139 20.29 -11.21 6.86
C ALA A 139 19.90 -12.43 7.69
N GLY B 1 -9.65 5.07 4.31
CA GLY B 1 -8.32 4.72 4.88
C GLY B 1 -7.78 3.52 4.12
N PRO B 2 -6.46 3.27 4.20
CA PRO B 2 -5.77 2.17 3.52
C PRO B 2 -6.29 0.77 3.81
N SER B 3 -6.82 0.58 5.01
CA SER B 3 -7.32 -0.70 5.45
C SER B 3 -8.82 -0.96 5.28
N ASP B 4 -9.59 0.01 4.78
CA ASP B 4 -11.01 -0.22 4.60
C ASP B 4 -11.23 -1.19 3.45
N MET B 5 -12.07 -2.21 3.67
CA MET B 5 -12.30 -3.25 2.69
C MET B 5 -13.45 -2.97 1.72
N TYR B 6 -13.43 -1.77 1.14
CA TYR B 6 -14.43 -1.32 0.19
C TYR B 6 -13.96 0.02 -0.35
N VAL B 7 -14.63 0.51 -1.38
CA VAL B 7 -14.24 1.78 -2.00
C VAL B 7 -15.36 2.77 -1.82
N HIS B 8 -14.98 4.03 -1.60
CA HIS B 8 -15.95 5.08 -1.33
C HIS B 8 -15.51 6.34 -2.08
N VAL B 9 -16.22 6.64 -3.16
CA VAL B 9 -15.92 7.79 -4.02
C VAL B 9 -17.08 8.77 -3.87
N GLY B 10 -16.85 9.91 -3.23
CA GLY B 10 -17.95 10.85 -3.04
C GLY B 10 -19.02 10.11 -2.24
N ASN B 11 -20.26 10.10 -2.72
CA ASN B 11 -21.32 9.41 -2.00
C ASN B 11 -21.56 7.96 -2.47
N LEU B 12 -20.64 7.43 -3.27
CA LEU B 12 -20.77 6.07 -3.79
C LEU B 12 -19.87 5.05 -3.14
N ILE B 13 -20.49 3.91 -2.78
CA ILE B 13 -19.79 2.79 -2.17
C ILE B 13 -19.72 1.66 -3.21
N TYR B 14 -18.58 0.99 -3.27
CA TYR B 14 -18.36 -0.16 -4.16
C TYR B 14 -17.89 -1.25 -3.20
N ARG B 15 -18.64 -2.34 -3.12
CA ARG B 15 -18.32 -3.44 -2.21
C ARG B 15 -18.55 -4.80 -2.85
N ASN B 16 -17.95 -5.83 -2.28
CA ASN B 16 -18.18 -7.18 -2.80
C ASN B 16 -19.64 -7.49 -2.48
N LEU B 17 -20.37 -7.93 -3.49
CA LEU B 17 -21.77 -8.28 -3.33
C LEU B 17 -21.97 -9.29 -2.19
N HIS B 18 -21.12 -10.31 -2.10
CA HIS B 18 -21.34 -11.34 -1.07
C HIS B 18 -21.13 -10.87 0.36
N LEU B 19 -20.57 -9.68 0.55
CA LEU B 19 -20.36 -9.14 1.88
C LEU B 19 -21.44 -8.13 2.26
N PHE B 20 -22.32 -7.81 1.31
CA PHE B 20 -23.38 -6.84 1.56
C PHE B 20 -24.49 -7.48 2.39
N ASN B 21 -24.86 -6.82 3.48
CA ASN B 21 -25.87 -7.33 4.38
C ASN B 21 -26.90 -6.25 4.73
N SER B 22 -26.70 -5.04 4.22
CA SER B 22 -27.58 -3.90 4.49
C SER B 22 -28.97 -3.99 3.87
N GLU B 23 -29.80 -2.99 4.16
CA GLU B 23 -31.15 -2.94 3.62
C GLU B 23 -31.11 -2.37 2.21
N MET B 24 -32.13 -2.68 1.41
CA MET B 24 -32.20 -2.18 0.04
C MET B 24 -32.30 -0.66 -0.02
N HIS B 25 -31.90 -0.09 -1.15
CA HIS B 25 -31.97 1.35 -1.38
C HIS B 25 -32.09 1.52 -2.90
N GLU B 26 -32.88 2.50 -3.33
CA GLU B 26 -33.12 2.75 -4.75
C GLU B 26 -31.84 2.88 -5.59
N SER B 27 -30.76 3.35 -4.97
CA SER B 27 -29.50 3.56 -5.67
C SER B 27 -28.69 2.30 -6.00
N ILE B 28 -29.07 1.17 -5.41
CA ILE B 28 -28.35 -0.07 -5.63
C ILE B 28 -28.25 -0.54 -7.08
N LEU B 29 -27.04 -0.93 -7.47
CA LEU B 29 -26.78 -1.52 -8.79
C LEU B 29 -25.99 -2.77 -8.42
N VAL B 30 -26.44 -3.93 -8.92
CA VAL B 30 -25.78 -5.18 -8.61
C VAL B 30 -25.23 -5.83 -9.88
N SER B 31 -23.97 -6.26 -9.82
CA SER B 31 -23.36 -6.98 -10.94
C SER B 31 -23.09 -8.37 -10.36
N TYR B 32 -24.06 -9.25 -10.52
CA TYR B 32 -23.91 -10.61 -10.00
C TYR B 32 -22.72 -11.34 -10.60
N SER B 33 -22.47 -11.15 -11.89
CA SER B 33 -21.34 -11.85 -12.50
C SER B 33 -19.98 -11.19 -12.20
N SER B 34 -19.98 -10.11 -11.42
CA SER B 34 -18.72 -9.46 -11.05
C SER B 34 -18.57 -9.42 -9.53
N ASP B 35 -19.51 -10.02 -8.78
CA ASP B 35 -19.46 -10.03 -7.33
C ASP B 35 -19.39 -8.59 -6.78
N LEU B 36 -20.08 -7.68 -7.45
CA LEU B 36 -20.04 -6.29 -7.07
C LEU B 36 -21.40 -5.66 -6.79
N ILE B 37 -21.44 -4.78 -5.79
CA ILE B 37 -22.66 -4.01 -5.50
C ILE B 37 -22.20 -2.55 -5.38
N ILE B 38 -22.99 -1.66 -5.96
CA ILE B 38 -22.71 -0.25 -5.95
C ILE B 38 -23.95 0.44 -5.36
N TYR B 39 -23.74 1.42 -4.49
CA TYR B 39 -24.89 2.14 -3.93
C TYR B 39 -24.47 3.47 -3.30
N ARG B 40 -25.44 4.38 -3.16
CA ARG B 40 -25.18 5.70 -2.57
C ARG B 40 -25.31 5.64 -1.06
N THR B 41 -24.53 6.47 -0.38
CA THR B 41 -24.62 6.53 1.08
C THR B 41 -24.62 8.00 1.50
N ASN B 42 -24.80 8.22 2.80
CA ASN B 42 -24.90 9.58 3.33
C ASN B 42 -23.58 10.29 3.65
N THR B 43 -22.51 9.54 3.88
CA THR B 43 -21.22 10.17 4.16
C THR B 43 -20.40 10.22 2.89
N VAL B 44 -19.34 11.03 2.90
CA VAL B 44 -18.50 11.19 1.73
C VAL B 44 -17.14 10.53 1.89
N GLY B 45 -16.72 9.80 0.85
CA GLY B 45 -15.46 9.09 0.89
C GLY B 45 -14.38 9.80 0.08
N ASP B 46 -13.11 9.44 0.30
CA ASP B 46 -12.07 10.13 -0.45
C ASP B 46 -11.30 9.30 -1.48
N ASP B 47 -11.82 8.12 -1.82
CA ASP B 47 -11.15 7.31 -2.84
C ASP B 47 -11.47 7.91 -4.20
N TYR B 48 -10.67 7.55 -5.19
CA TYR B 48 -10.87 8.02 -6.54
C TYR B 48 -10.57 6.86 -7.50
N ILE B 49 -11.53 6.52 -8.34
CA ILE B 49 -11.36 5.44 -9.30
C ILE B 49 -11.02 6.09 -10.61
N PRO B 50 -9.80 5.85 -11.12
CA PRO B 50 -9.30 6.41 -12.36
C PRO B 50 -9.79 5.71 -13.64
N SER B 51 -9.35 6.22 -14.78
CA SER B 51 -9.72 5.69 -16.10
C SER B 51 -8.49 5.29 -16.90
N CYS B 52 -7.45 4.85 -16.20
CA CYS B 52 -6.17 4.47 -16.78
C CYS B 52 -6.12 2.99 -17.18
N ASP B 53 -4.94 2.56 -17.62
CA ASP B 53 -4.73 1.17 -18.00
C ASP B 53 -3.53 0.60 -17.24
N CYS B 54 -3.24 1.16 -16.07
CA CYS B 54 -2.10 0.69 -15.27
C CYS B 54 -2.14 -0.78 -14.96
N THR B 55 -0.96 -1.37 -14.84
CA THR B 55 -0.81 -2.78 -14.50
C THR B 55 0.09 -2.87 -13.27
N GLN B 56 0.90 -1.82 -13.06
CA GLN B 56 1.81 -1.74 -11.91
C GLN B 56 0.94 -1.25 -10.76
N ALA B 57 0.65 -2.14 -9.81
CA ALA B 57 -0.22 -1.74 -8.71
C ALA B 57 0.25 -2.20 -7.35
N THR B 58 -0.65 -2.05 -6.37
CA THR B 58 -0.38 -2.44 -5.00
C THR B 58 -1.71 -2.75 -4.31
N TYR B 59 -1.72 -3.70 -3.40
CA TYR B 59 -3.00 -4.01 -2.75
C TYR B 59 -2.85 -4.36 -1.30
N TYR B 60 -3.93 -4.17 -0.55
CA TYR B 60 -3.97 -4.46 0.86
C TYR B 60 -4.35 -5.92 1.05
N CYS B 61 -3.50 -6.65 1.77
CA CYS B 61 -3.74 -8.06 2.08
C CYS B 61 -4.12 -8.11 3.56
N LYS B 62 -5.41 -8.26 3.84
CA LYS B 62 -5.92 -8.27 5.19
C LYS B 62 -5.28 -9.25 6.20
N HIS B 63 -5.16 -10.52 5.85
CA HIS B 63 -4.57 -11.44 6.82
C HIS B 63 -3.11 -11.14 7.16
N LYS B 64 -2.40 -10.41 6.29
CA LYS B 64 -1.01 -10.05 6.59
C LYS B 64 -1.00 -8.63 7.14
N ASN B 65 -2.15 -7.97 7.07
CA ASN B 65 -2.32 -6.57 7.47
C ASN B 65 -1.21 -5.64 6.93
N ARG B 66 -0.90 -5.78 5.63
CA ARG B 66 0.11 -4.95 4.96
C ARG B 66 -0.13 -4.88 3.46
N TYR B 67 0.50 -3.91 2.81
CA TYR B 67 0.37 -3.81 1.36
C TYR B 67 1.48 -4.59 0.64
N PHE B 68 1.17 -5.01 -0.58
CA PHE B 68 2.08 -5.77 -1.45
C PHE B 68 2.07 -5.17 -2.85
N PRO B 69 3.25 -4.94 -3.43
CA PRO B 69 3.25 -4.40 -4.79
C PRO B 69 2.74 -5.59 -5.61
N ILE B 70 2.12 -5.33 -6.76
CA ILE B 70 1.61 -6.44 -7.57
C ILE B 70 1.40 -5.96 -8.99
N THR B 71 1.79 -6.79 -9.97
CA THR B 71 1.60 -6.47 -11.38
C THR B 71 0.38 -7.28 -11.76
N VAL B 72 -0.64 -6.60 -12.26
CA VAL B 72 -1.87 -7.29 -12.61
C VAL B 72 -2.09 -7.40 -14.11
N THR B 73 -2.88 -8.39 -14.48
CA THR B 73 -3.24 -8.65 -15.86
C THR B 73 -4.74 -8.54 -15.99
N SER B 74 -5.18 -7.77 -16.97
CA SER B 74 -6.59 -7.56 -17.22
C SER B 74 -7.24 -8.70 -18.01
N HIS B 75 -8.44 -9.11 -17.60
CA HIS B 75 -9.17 -10.19 -18.27
C HIS B 75 -10.62 -9.78 -18.48
N ASP B 76 -11.08 -9.74 -19.73
CA ASP B 76 -12.47 -9.41 -19.97
C ASP B 76 -13.34 -10.37 -19.17
N TRP B 77 -13.09 -11.67 -19.32
CA TRP B 77 -13.85 -12.64 -18.53
C TRP B 77 -12.91 -13.77 -18.10
N TYR B 78 -13.30 -14.46 -17.05
CA TYR B 78 -12.49 -15.52 -16.51
C TYR B 78 -13.41 -16.44 -15.74
N GLU B 79 -13.16 -17.74 -15.81
CA GLU B 79 -14.00 -18.67 -15.07
C GLU B 79 -13.45 -18.83 -13.67
N ILE B 80 -14.27 -18.50 -12.68
CA ILE B 80 -13.85 -18.60 -11.28
C ILE B 80 -14.39 -19.88 -10.67
N GLN B 81 -13.51 -20.66 -10.06
CA GLN B 81 -13.91 -21.92 -9.44
C GLN B 81 -14.97 -21.75 -8.36
N GLU B 82 -15.31 -22.86 -7.72
CA GLU B 82 -16.30 -22.85 -6.65
C GLU B 82 -15.68 -22.27 -5.39
N SER B 83 -16.52 -21.57 -4.61
CA SER B 83 -16.09 -20.97 -3.36
C SER B 83 -17.22 -21.13 -2.35
N GLU B 84 -16.94 -20.75 -1.11
CA GLU B 84 -17.91 -20.84 -0.02
C GLU B 84 -19.14 -19.96 -0.27
N TYR B 85 -18.95 -18.90 -1.04
CA TYR B 85 -20.04 -17.96 -1.32
C TYR B 85 -20.52 -17.98 -2.78
N TYR B 86 -19.72 -18.54 -3.67
CA TYR B 86 -20.08 -18.64 -5.09
C TYR B 86 -19.63 -19.99 -5.66
N PRO B 87 -20.42 -20.54 -6.60
CA PRO B 87 -20.06 -21.82 -7.21
C PRO B 87 -19.18 -21.45 -8.41
N LYS B 88 -18.60 -22.44 -9.09
CA LYS B 88 -17.79 -22.12 -10.27
C LYS B 88 -18.70 -21.26 -11.17
N HIS B 89 -18.18 -20.12 -11.62
CA HIS B 89 -18.96 -19.21 -12.46
C HIS B 89 -18.06 -18.36 -13.35
N ILE B 90 -18.67 -17.68 -14.31
CA ILE B 90 -17.94 -16.79 -15.21
C ILE B 90 -17.98 -15.41 -14.55
N GLN B 91 -16.84 -14.75 -14.44
CA GLN B 91 -16.82 -13.42 -13.84
C GLN B 91 -16.12 -12.47 -14.82
N TYR B 92 -16.70 -11.29 -15.02
CA TYR B 92 -16.12 -10.31 -15.94
C TYR B 92 -15.35 -9.21 -15.24
N ASN B 93 -14.59 -8.46 -16.03
CA ASN B 93 -13.83 -7.32 -15.53
C ASN B 93 -12.92 -7.70 -14.36
N LEU B 94 -11.97 -8.60 -14.61
CA LEU B 94 -11.04 -9.07 -13.60
C LEU B 94 -9.62 -8.58 -13.80
N LEU B 95 -8.86 -8.62 -12.72
CA LEU B 95 -7.45 -8.29 -12.73
C LEU B 95 -6.87 -9.41 -11.90
N ILE B 96 -5.80 -10.02 -12.40
CA ILE B 96 -5.18 -11.11 -11.69
C ILE B 96 -3.71 -10.86 -11.56
N GLY B 97 -3.14 -11.23 -10.42
CA GLY B 97 -1.73 -11.03 -10.22
C GLY B 97 -1.25 -12.02 -9.20
N GLU B 98 0.05 -12.00 -8.94
CA GLU B 98 0.59 -12.94 -7.98
C GLU B 98 0.67 -12.31 -6.60
N GLY B 99 0.21 -13.04 -5.58
CA GLY B 99 0.27 -12.52 -4.23
C GLY B 99 -0.58 -13.36 -3.30
N PRO B 100 -0.37 -13.23 -1.97
CA PRO B 100 -1.13 -13.99 -0.98
C PRO B 100 -2.59 -13.57 -0.82
N CYS B 101 -3.40 -14.53 -0.39
CA CYS B 101 -4.81 -14.30 -0.21
C CYS B 101 -5.38 -15.43 0.64
N GLU B 102 -6.23 -15.08 1.59
CA GLU B 102 -6.86 -16.07 2.45
C GLU B 102 -8.28 -15.57 2.75
N PRO B 103 -9.15 -16.47 3.23
CA PRO B 103 -10.52 -16.05 3.55
C PRO B 103 -10.43 -14.78 4.39
N GLY B 104 -11.38 -13.87 4.18
CA GLY B 104 -11.38 -12.63 4.94
C GLY B 104 -10.69 -11.50 4.18
N ASP B 105 -9.98 -11.81 3.10
CA ASP B 105 -9.30 -10.79 2.33
C ASP B 105 -10.13 -10.04 1.28
N CYS B 106 -11.32 -10.55 0.93
CA CYS B 106 -12.14 -9.89 -0.08
C CYS B 106 -12.44 -8.43 0.35
N GLY B 107 -12.32 -7.51 -0.60
CA GLY B 107 -12.56 -6.12 -0.30
C GLY B 107 -11.29 -5.28 -0.21
N GLY B 108 -10.16 -5.94 -0.02
CA GLY B 108 -8.90 -5.21 0.06
C GLY B 108 -8.73 -4.41 -1.21
N LYS B 109 -8.28 -3.16 -1.06
CA LYS B 109 -8.12 -2.30 -2.22
C LYS B 109 -6.87 -2.56 -3.03
N LEU B 110 -7.00 -2.33 -4.33
CA LEU B 110 -5.90 -2.47 -5.30
C LEU B 110 -5.77 -1.04 -5.88
N LEU B 111 -4.58 -0.49 -5.84
CA LEU B 111 -4.35 0.86 -6.36
C LEU B 111 -3.18 0.95 -7.34
N CYS B 112 -3.27 1.91 -8.27
CA CYS B 112 -2.20 2.18 -9.22
C CYS B 112 -1.79 3.57 -8.78
N LYS B 113 -0.92 4.22 -9.53
CA LYS B 113 -0.48 5.55 -9.16
C LYS B 113 -1.58 6.61 -9.22
N HIS B 114 -2.68 6.32 -9.93
CA HIS B 114 -3.77 7.31 -10.04
C HIS B 114 -4.87 7.21 -8.99
N GLY B 115 -5.10 6.02 -8.48
CA GLY B 115 -6.15 5.82 -7.49
C GLY B 115 -6.50 4.35 -7.32
N VAL B 116 -7.70 4.08 -6.79
CA VAL B 116 -8.17 2.73 -6.54
C VAL B 116 -8.78 2.15 -7.82
N ILE B 117 -8.25 1.01 -8.27
CA ILE B 117 -8.74 0.38 -9.49
C ILE B 117 -9.49 -0.94 -9.24
N GLY B 118 -9.43 -1.46 -8.03
CA GLY B 118 -10.14 -2.69 -7.75
C GLY B 118 -10.19 -3.10 -6.29
N ILE B 119 -10.93 -4.18 -6.03
CA ILE B 119 -11.02 -4.76 -4.69
C ILE B 119 -10.90 -6.27 -4.84
N VAL B 120 -10.26 -6.91 -3.87
CA VAL B 120 -10.06 -8.37 -3.88
C VAL B 120 -11.42 -9.08 -3.97
N THR B 121 -11.53 -10.03 -4.90
CA THR B 121 -12.76 -10.80 -5.10
C THR B 121 -12.54 -12.31 -5.04
N ALA B 122 -11.30 -12.76 -5.21
CA ALA B 122 -11.00 -14.20 -5.17
C ALA B 122 -9.51 -14.45 -5.09
N GLY B 123 -9.13 -15.66 -4.70
CA GLY B 123 -7.72 -15.98 -4.62
C GLY B 123 -7.45 -17.46 -4.45
N GLY B 124 -6.18 -17.82 -4.58
CA GLY B 124 -5.81 -19.21 -4.41
C GLY B 124 -4.54 -19.58 -5.14
N ASP B 125 -3.83 -20.56 -4.59
CA ASP B 125 -2.60 -21.05 -5.20
C ASP B 125 -1.66 -19.89 -5.55
N ASN B 126 -1.38 -19.04 -4.57
CA ASN B 126 -0.48 -17.91 -4.74
C ASN B 126 -0.90 -16.82 -5.72
N HIS B 127 -2.16 -16.82 -6.12
CA HIS B 127 -2.65 -15.77 -6.99
C HIS B 127 -3.89 -15.14 -6.39
N VAL B 128 -4.11 -13.87 -6.71
CA VAL B 128 -5.24 -13.12 -6.17
C VAL B 128 -5.93 -12.39 -7.30
N ALA B 129 -7.25 -12.34 -7.24
CA ALA B 129 -8.03 -11.68 -8.29
C ALA B 129 -8.82 -10.52 -7.72
N PHE B 130 -9.04 -9.50 -8.54
CA PHE B 130 -9.75 -8.29 -8.16
C PHE B 130 -10.77 -7.84 -9.20
N ILE B 131 -11.84 -7.21 -8.71
CA ILE B 131 -12.85 -6.64 -9.59
C ILE B 131 -12.15 -5.37 -10.15
N ASP B 132 -12.22 -5.18 -11.47
CA ASP B 132 -11.61 -4.00 -12.07
C ASP B 132 -12.69 -2.92 -11.99
N LEU B 133 -12.56 -2.04 -11.00
CA LEU B 133 -13.56 -1.00 -10.82
C LEU B 133 -13.59 0.07 -11.90
N ARG B 134 -12.50 0.21 -12.66
CA ARG B 134 -12.44 1.21 -13.72
C ARG B 134 -13.58 1.00 -14.72
N HIS B 135 -13.98 -0.24 -14.91
CA HIS B 135 -15.06 -0.61 -15.81
C HIS B 135 -16.45 -0.24 -15.29
N PHE B 136 -16.55 0.03 -13.99
CA PHE B 136 -17.87 0.36 -13.43
C PHE B 136 -18.00 1.81 -13.06
N HIS B 137 -17.17 2.64 -13.67
CA HIS B 137 -17.20 4.06 -13.38
C HIS B 137 -16.95 4.85 -14.65
N CYS B 138 -17.79 5.86 -14.90
CA CYS B 138 -17.65 6.68 -16.09
C CYS B 138 -16.49 7.65 -16.03
N ALA B 139 -15.59 7.50 -17.00
CA ALA B 139 -14.39 8.32 -17.10
C ALA B 139 -14.70 9.82 -17.11
#